data_7QBM
#
_entry.id   7QBM
#
_cell.length_a   103.283
_cell.length_b   103.283
_cell.length_c   55.464
_cell.angle_alpha   90.000
_cell.angle_beta   90.000
_cell.angle_gamma   90.000
#
_symmetry.space_group_name_H-M   'P 43 21 2'
#
loop_
_entity.id
_entity.type
_entity.pdbx_description
1 polymer 'Cathepsin K'
2 polymer 'Cathepsin K'
3 non-polymer '~{tert}-butyl ~{N}-[iminomethyl-[2-[methyl-(phenylmethyl)amino]-2-oxidanylidene-ethyl]amino]carbamate'
4 non-polymer 'ACETATE ION'
5 non-polymer 'MAGNESIUM ION'
6 water water
#
loop_
_entity_poly.entity_id
_entity_poly.type
_entity_poly.pdbx_seq_one_letter_code
_entity_poly.pdbx_strand_id
1 'polypeptide(L)'
;RAPDSVDYRKKGYVTPVKNQGQCGSCWAFSSVGALEGQLKKKTGKLLNLSPQNLVDCVSENDGCGGGYMTNAFQYVQKNR
GIDSEDAYPYVGQEESCMYNPTGKAAKCRGYREIPEGNEKALKRAVARVGPVSVAIDASLTSFQFYSKGVYYDESCNSDN
LNHAVLAVGYGIQKGNKHWIIKNSWGENWGNKGYILMARNKNNACGIANLASFPKM
;
A
2 'polypeptide(L)' LYPEEILDTHWELWKKTHRKQYNNKVDEISRRLIWEKNLKYISIHNLEASLGVHTYELAMNHLGDMTSEEVVQK P
#
loop_
_chem_comp.id
_chem_comp.type
_chem_comp.name
_chem_comp.formula
A0U non-polymer '~{tert}-butyl ~{N}-[iminomethyl-[2-[methyl-(phenylmethyl)amino]-2-oxidanylidene-ethyl]amino]carbamate' 'C16 H24 N4 O3'
ACT non-polymer 'ACETATE ION' 'C2 H3 O2 -1'
MG non-polymer 'MAGNESIUM ION' 'Mg 2'
#
# COMPACT_ATOMS: atom_id res chain seq x y z
N ARG A 1 27.61 2.19 18.68
CA ARG A 1 27.17 1.01 17.84
C ARG A 1 26.21 1.50 16.74
N ALA A 2 25.93 0.63 15.76
CA ALA A 2 24.99 0.91 14.64
C ALA A 2 23.55 0.80 15.13
N PRO A 3 22.59 1.55 14.52
CA PRO A 3 21.19 1.47 14.91
C PRO A 3 20.59 0.17 14.38
N ASP A 4 19.52 -0.31 14.99
CA ASP A 4 18.77 -1.48 14.48
C ASP A 4 17.79 -0.99 13.40
N SER A 5 18.25 -0.93 12.15
CA SER A 5 17.48 -0.44 10.98
C SER A 5 17.59 -1.45 9.84
N VAL A 6 16.51 -1.57 9.07
CA VAL A 6 16.43 -2.49 7.89
C VAL A 6 15.74 -1.73 6.75
N ASP A 7 16.24 -1.85 5.53
CA ASP A 7 15.58 -1.28 4.34
C ASP A 7 15.92 -2.15 3.13
N TYR A 8 15.00 -3.04 2.74
CA TYR A 8 15.25 -4.05 1.68
C TYR A 8 15.34 -3.37 0.31
N ARG A 9 14.97 -2.10 0.22
CA ARG A 9 15.11 -1.38 -1.07
C ARG A 9 16.60 -1.28 -1.41
N LYS A 10 17.46 -1.19 -0.39
CA LYS A 10 18.93 -1.02 -0.53
C LYS A 10 19.58 -2.33 -1.01
N LYS A 11 18.89 -3.47 -0.85
CA LYS A 11 19.41 -4.80 -1.25
C LYS A 11 18.77 -5.25 -2.56
N GLY A 12 17.97 -4.41 -3.22
CA GLY A 12 17.30 -4.72 -4.50
C GLY A 12 16.21 -5.78 -4.34
N TYR A 13 15.53 -5.81 -3.20
CA TYR A 13 14.44 -6.78 -2.92
C TYR A 13 13.10 -6.22 -3.39
N VAL A 14 13.04 -4.94 -3.76
CA VAL A 14 11.74 -4.24 -3.97
C VAL A 14 11.65 -3.68 -5.39
N THR A 15 10.58 -4.01 -6.12
CA THR A 15 10.26 -3.45 -7.46
C THR A 15 9.71 -2.03 -7.31
N PRO A 16 9.57 -1.27 -8.43
CA PRO A 16 9.10 0.10 -8.30
C PRO A 16 7.61 0.12 -7.94
N VAL A 17 7.16 1.28 -7.50
CA VAL A 17 5.81 1.54 -6.96
C VAL A 17 4.82 1.41 -8.10
N LYS A 18 3.75 0.65 -7.91
CA LYS A 18 2.70 0.42 -8.93
C LYS A 18 1.48 1.25 -8.55
N ASN A 19 0.56 1.39 -9.49
CA ASN A 19 -0.71 2.10 -9.29
C ASN A 19 -1.86 1.13 -9.55
N GLN A 20 -2.54 0.68 -8.52
CA GLN A 20 -3.76 -0.18 -8.63
C GLN A 20 -4.87 0.54 -9.42
N GLY A 21 -4.90 1.88 -9.45
CA GLY A 21 -5.95 2.67 -10.14
C GLY A 21 -7.33 2.52 -9.49
N GLN A 22 -8.40 2.55 -10.29
CA GLN A 22 -9.82 2.46 -9.83
C GLN A 22 -10.23 1.00 -9.76
N CYS A 23 -9.50 0.18 -9.01
CA CYS A 23 -9.76 -1.26 -8.78
C CYS A 23 -9.28 -1.62 -7.36
N GLY A 24 -10.04 -2.42 -6.62
CA GLY A 24 -9.75 -2.75 -5.22
C GLY A 24 -8.84 -3.95 -5.10
N SER A 25 -7.69 -3.88 -5.78
CA SER A 25 -6.69 -4.97 -5.87
C SER A 25 -5.48 -4.73 -4.94
N CYS A 26 -5.63 -3.97 -3.86
CA CYS A 26 -4.49 -3.58 -2.97
C CYS A 26 -3.81 -4.85 -2.45
N TRP A 27 -4.62 -5.86 -2.14
CA TRP A 27 -4.18 -7.17 -1.62
C TRP A 27 -3.29 -7.90 -2.63
N ALA A 28 -3.55 -7.71 -3.92
CA ALA A 28 -2.81 -8.37 -5.02
C ALA A 28 -1.44 -7.72 -5.14
N PHE A 29 -1.38 -6.40 -5.02
CA PHE A 29 -0.10 -5.64 -5.06
C PHE A 29 0.72 -5.99 -3.83
N SER A 30 0.08 -6.08 -2.67
CA SER A 30 0.73 -6.43 -1.39
C SER A 30 1.34 -7.84 -1.51
N SER A 31 0.58 -8.78 -2.10
CA SER A 31 0.96 -10.20 -2.24
C SER A 31 2.17 -10.31 -3.17
N VAL A 32 2.10 -9.71 -4.35
CA VAL A 32 3.21 -9.83 -5.33
C VAL A 32 4.45 -9.17 -4.72
N GLY A 33 4.32 -8.04 -3.98
CA GLY A 33 5.48 -7.40 -3.35
C GLY A 33 6.18 -8.36 -2.38
N ALA A 34 5.41 -9.10 -1.59
CA ALA A 34 5.97 -10.07 -0.63
C ALA A 34 6.66 -11.22 -1.42
N LEU A 35 6.05 -11.62 -2.53
CA LEU A 35 6.55 -12.74 -3.37
C LEU A 35 7.84 -12.29 -4.09
N GLU A 36 7.86 -11.05 -4.58
CA GLU A 36 9.02 -10.41 -5.25
C GLU A 36 10.23 -10.48 -4.30
N GLY A 37 10.08 -10.02 -3.05
CA GLY A 37 11.13 -10.08 -2.03
C GLY A 37 11.70 -11.48 -1.88
N GLN A 38 10.84 -12.50 -1.79
CA GLN A 38 11.30 -13.89 -1.56
C GLN A 38 11.94 -14.45 -2.84
N LEU A 39 11.44 -14.10 -4.02
CA LEU A 39 12.03 -14.57 -5.31
C LEU A 39 13.46 -14.01 -5.42
N LYS A 40 13.65 -12.72 -5.13
CA LYS A 40 14.98 -12.08 -5.11
C LYS A 40 15.89 -12.83 -4.14
N LYS A 41 15.39 -13.12 -2.94
CA LYS A 41 16.16 -13.78 -1.87
C LYS A 41 16.60 -15.19 -2.33
N LYS A 42 15.72 -15.94 -3.01
CA LYS A 42 15.98 -17.33 -3.45
C LYS A 42 16.92 -17.33 -4.67
N THR A 43 16.56 -16.67 -5.77
CA THR A 43 17.21 -16.77 -7.11
C THR A 43 18.15 -15.60 -7.43
N GLY A 44 18.17 -14.54 -6.62
CA GLY A 44 19.00 -13.35 -6.91
C GLY A 44 18.44 -12.44 -8.00
N LYS A 45 17.32 -12.78 -8.64
CA LYS A 45 16.67 -11.94 -9.70
C LYS A 45 15.48 -11.15 -9.12
N LEU A 46 15.32 -9.90 -9.57
CA LEU A 46 14.20 -9.03 -9.14
C LEU A 46 13.29 -8.77 -10.34
N LEU A 47 12.06 -9.26 -10.33
CA LEU A 47 11.15 -8.90 -11.46
C LEU A 47 9.72 -8.75 -10.97
N ASN A 48 8.95 -8.02 -11.78
CA ASN A 48 7.54 -7.68 -11.50
C ASN A 48 6.72 -8.95 -11.71
N LEU A 49 6.03 -9.40 -10.67
CA LEU A 49 5.05 -10.50 -10.75
C LEU A 49 3.68 -9.89 -11.03
N SER A 50 2.71 -10.71 -11.44
CA SER A 50 1.43 -10.23 -12.03
C SER A 50 0.37 -10.13 -10.93
N PRO A 51 0.03 -8.92 -10.46
CA PRO A 51 -1.18 -8.73 -9.65
C PRO A 51 -2.44 -9.19 -10.40
N GLN A 52 -2.49 -8.96 -11.71
CA GLN A 52 -3.68 -9.29 -12.55
C GLN A 52 -3.96 -10.79 -12.53
N ASN A 53 -2.91 -11.60 -12.56
CA ASN A 53 -2.98 -13.07 -12.36
C ASN A 53 -3.74 -13.38 -11.07
N LEU A 54 -3.48 -12.66 -9.98
CA LEU A 54 -4.16 -12.93 -8.69
C LEU A 54 -5.59 -12.40 -8.75
N VAL A 55 -5.77 -11.19 -9.25
CA VAL A 55 -7.11 -10.54 -9.36
C VAL A 55 -8.02 -11.46 -10.19
N ASP A 56 -7.62 -11.81 -11.42
CA ASP A 56 -8.42 -12.62 -12.37
C ASP A 56 -8.52 -14.08 -11.90
N CYS A 57 -7.64 -14.60 -11.02
CA CYS A 57 -7.58 -16.08 -10.80
C CYS A 57 -7.73 -16.50 -9.34
N VAL A 58 -7.63 -15.64 -8.32
CA VAL A 58 -7.83 -16.11 -6.91
C VAL A 58 -9.34 -16.11 -6.62
N SER A 59 -9.97 -17.28 -6.78
CA SER A 59 -11.44 -17.53 -6.66
C SER A 59 -11.93 -17.24 -5.24
N GLU A 60 -11.05 -17.32 -4.25
CA GLU A 60 -11.40 -17.08 -2.82
C GLU A 60 -11.33 -15.57 -2.53
N ASN A 61 -11.00 -14.74 -3.50
CA ASN A 61 -10.94 -13.26 -3.34
C ASN A 61 -11.95 -12.66 -4.34
N ASP A 62 -12.05 -11.32 -4.43
CA ASP A 62 -13.11 -10.62 -5.21
C ASP A 62 -12.49 -9.68 -6.25
N GLY A 63 -11.33 -10.04 -6.79
CA GLY A 63 -10.62 -9.18 -7.73
C GLY A 63 -10.66 -7.73 -7.27
N CYS A 64 -11.37 -6.88 -8.02
CA CYS A 64 -11.41 -5.42 -7.77
C CYS A 64 -12.30 -5.09 -6.56
N GLY A 65 -12.85 -6.11 -5.88
CA GLY A 65 -13.67 -5.94 -4.66
C GLY A 65 -12.99 -6.39 -3.38
N GLY A 66 -11.66 -6.48 -3.34
CA GLY A 66 -10.93 -6.80 -2.09
C GLY A 66 -10.56 -8.29 -1.99
N GLY A 67 -9.81 -8.64 -0.94
CA GLY A 67 -9.35 -10.02 -0.72
C GLY A 67 -8.21 -10.06 0.27
N TYR A 68 -7.71 -11.26 0.55
CA TYR A 68 -6.63 -11.49 1.55
C TYR A 68 -5.34 -11.96 0.87
N MET A 69 -4.21 -11.49 1.40
CA MET A 69 -2.86 -11.85 0.91
C MET A 69 -2.63 -13.36 1.18
N THR A 70 -3.07 -13.89 2.31
CA THR A 70 -2.94 -15.35 2.60
C THR A 70 -3.64 -16.17 1.51
N ASN A 71 -4.83 -15.79 1.08
CA ASN A 71 -5.57 -16.53 0.01
C ASN A 71 -4.78 -16.47 -1.31
N ALA A 72 -4.16 -15.33 -1.61
CA ALA A 72 -3.28 -15.16 -2.78
C ALA A 72 -2.11 -16.17 -2.73
N PHE A 73 -1.45 -16.32 -1.59
CA PHE A 73 -0.26 -17.20 -1.49
C PHE A 73 -0.71 -18.66 -1.68
N GLN A 74 -1.80 -19.06 -1.00
CA GLN A 74 -2.41 -20.41 -1.14
C GLN A 74 -2.70 -20.69 -2.62
N TYR A 75 -3.25 -19.73 -3.36
CA TYR A 75 -3.53 -19.96 -4.81
C TYR A 75 -2.22 -20.24 -5.54
N VAL A 76 -1.18 -19.45 -5.27
CA VAL A 76 0.12 -19.57 -5.99
C VAL A 76 0.68 -20.97 -5.73
N GLN A 77 0.60 -21.40 -4.48
CA GLN A 77 0.99 -22.78 -4.10
C GLN A 77 0.15 -23.78 -4.92
N LYS A 78 -1.16 -23.88 -4.67
CA LYS A 78 -2.02 -24.90 -5.33
C LYS A 78 -1.82 -24.79 -6.85
N ASN A 79 -1.62 -23.58 -7.39
CA ASN A 79 -1.51 -23.36 -8.84
C ASN A 79 -0.13 -23.80 -9.35
N ARG A 80 0.78 -24.14 -8.43
CA ARG A 80 2.23 -24.36 -8.70
C ARG A 80 2.79 -23.22 -9.55
N GLY A 81 2.41 -21.97 -9.26
CA GLY A 81 3.13 -20.81 -9.78
C GLY A 81 2.27 -19.57 -9.92
N ILE A 82 2.94 -18.44 -10.15
CA ILE A 82 2.35 -17.15 -10.58
C ILE A 82 3.15 -16.68 -11.79
N ASP A 83 2.49 -16.03 -12.75
CA ASP A 83 3.16 -15.43 -13.93
C ASP A 83 3.76 -14.08 -13.58
N SER A 84 4.67 -13.62 -14.42
CA SER A 84 5.30 -12.27 -14.37
C SER A 84 4.25 -11.25 -14.83
N GLU A 85 4.48 -9.98 -14.53
CA GLU A 85 3.70 -8.84 -15.05
C GLU A 85 3.72 -8.91 -16.59
N ASP A 86 4.89 -9.23 -17.18
CA ASP A 86 5.13 -9.26 -18.66
C ASP A 86 4.22 -10.30 -19.32
N ALA A 87 4.08 -11.48 -18.73
CA ALA A 87 3.28 -12.59 -19.31
C ALA A 87 1.79 -12.43 -18.97
N TYR A 88 1.43 -11.49 -18.09
CA TYR A 88 0.03 -11.33 -17.60
C TYR A 88 -0.14 -9.91 -17.07
N PRO A 89 -0.27 -8.90 -17.95
CA PRO A 89 -0.20 -7.49 -17.52
C PRO A 89 -1.43 -7.05 -16.72
N TYR A 90 -1.31 -5.91 -16.04
CA TYR A 90 -2.39 -5.28 -15.23
C TYR A 90 -3.21 -4.33 -16.11
N VAL A 91 -4.52 -4.52 -16.12
CA VAL A 91 -5.50 -3.70 -16.89
C VAL A 91 -6.45 -3.01 -15.90
N GLY A 92 -6.36 -3.35 -14.61
CA GLY A 92 -7.07 -2.60 -13.55
C GLY A 92 -8.55 -2.92 -13.54
N GLN A 93 -8.92 -4.08 -14.07
CA GLN A 93 -10.30 -4.61 -14.05
C GLN A 93 -10.20 -6.11 -14.08
N GLU A 94 -11.10 -6.79 -13.40
CA GLU A 94 -11.12 -8.26 -13.42
C GLU A 94 -11.48 -8.72 -14.84
N GLU A 95 -10.91 -9.83 -15.28
CA GLU A 95 -11.26 -10.55 -16.53
C GLU A 95 -11.22 -12.04 -16.19
N SER A 96 -11.30 -12.90 -17.20
CA SER A 96 -11.28 -14.37 -16.99
C SER A 96 -9.84 -14.82 -16.75
N CYS A 97 -9.68 -15.86 -15.93
CA CYS A 97 -8.35 -16.40 -15.54
C CYS A 97 -7.62 -16.95 -16.75
N MET A 98 -6.86 -16.10 -17.45
CA MET A 98 -5.96 -16.50 -18.56
C MET A 98 -4.55 -16.80 -17.98
N TYR A 99 -4.46 -17.59 -16.91
CA TYR A 99 -3.14 -18.02 -16.39
C TYR A 99 -2.47 -18.93 -17.43
N ASN A 100 -1.17 -18.74 -17.62
CA ASN A 100 -0.34 -19.42 -18.64
C ASN A 100 0.94 -19.92 -17.98
N PRO A 101 1.12 -21.26 -17.84
CA PRO A 101 2.31 -21.82 -17.18
C PRO A 101 3.63 -21.41 -17.85
N THR A 102 3.60 -21.12 -19.15
CA THR A 102 4.80 -20.71 -19.92
C THR A 102 5.35 -19.39 -19.39
N GLY A 103 4.54 -18.61 -18.66
CA GLY A 103 4.93 -17.29 -18.13
C GLY A 103 5.21 -17.30 -16.63
N LYS A 104 5.22 -18.49 -16.01
CA LYS A 104 5.53 -18.72 -14.58
C LYS A 104 6.87 -18.05 -14.22
N ALA A 105 6.88 -17.23 -13.17
CA ALA A 105 8.10 -16.49 -12.72
C ALA A 105 8.44 -16.82 -11.27
N ALA A 106 7.52 -17.44 -10.52
CA ALA A 106 7.72 -17.79 -9.10
C ALA A 106 6.75 -18.88 -8.65
N LYS A 107 7.13 -19.51 -7.55
CA LYS A 107 6.32 -20.55 -6.90
C LYS A 107 6.22 -20.21 -5.42
N CYS A 108 5.38 -20.95 -4.72
CA CYS A 108 5.16 -20.71 -3.28
C CYS A 108 4.88 -22.06 -2.62
N ARG A 109 5.56 -22.34 -1.50
CA ARG A 109 5.43 -23.63 -0.79
C ARG A 109 4.71 -23.41 0.54
N GLY A 110 3.83 -22.40 0.60
CA GLY A 110 3.03 -22.06 1.79
C GLY A 110 3.15 -20.58 2.14
N TYR A 111 2.75 -20.22 3.35
CA TYR A 111 2.83 -18.84 3.88
C TYR A 111 2.91 -18.86 5.40
N ARG A 112 3.22 -17.70 5.97
CA ARG A 112 3.36 -17.53 7.43
C ARG A 112 2.52 -16.33 7.85
N GLU A 113 1.97 -16.39 9.05
CA GLU A 113 1.16 -15.29 9.65
C GLU A 113 1.93 -14.80 10.86
N ILE A 114 2.14 -13.49 10.97
CA ILE A 114 2.68 -12.88 12.21
C ILE A 114 1.57 -12.92 13.26
N PRO A 115 1.90 -13.24 14.53
CA PRO A 115 0.95 -13.22 15.64
C PRO A 115 0.26 -11.85 15.81
N GLU A 116 -1.05 -11.88 15.96
CA GLU A 116 -1.92 -10.69 15.90
C GLU A 116 -1.45 -9.61 16.89
N GLY A 117 -1.23 -8.40 16.37
CA GLY A 117 -0.94 -7.21 17.18
C GLY A 117 0.48 -7.16 17.70
N ASN A 118 1.35 -8.09 17.33
CA ASN A 118 2.71 -8.19 17.90
C ASN A 118 3.71 -7.47 16.98
N GLU A 119 4.01 -6.20 17.27
CA GLU A 119 4.91 -5.38 16.40
C GLU A 119 6.35 -5.90 16.49
N LYS A 120 6.77 -6.39 17.64
CA LYS A 120 8.14 -6.95 17.82
CA LYS A 120 8.14 -6.95 17.82
CA LYS A 120 8.13 -6.95 17.81
C LYS A 120 8.29 -8.18 16.92
N ALA A 121 7.26 -9.04 16.85
CA ALA A 121 7.30 -10.23 15.95
C ALA A 121 7.32 -9.77 14.49
N LEU A 122 6.53 -8.75 14.14
CA LEU A 122 6.58 -8.21 12.76
C LEU A 122 8.00 -7.73 12.50
N LYS A 123 8.60 -7.01 13.45
CA LYS A 123 9.96 -6.46 13.26
C LYS A 123 10.96 -7.60 12.96
N ARG A 124 10.89 -8.67 13.74
CA ARG A 124 11.83 -9.81 13.63
CA ARG A 124 11.85 -9.79 13.63
C ARG A 124 11.62 -10.48 12.27
N ALA A 125 10.36 -10.57 11.83
CA ALA A 125 10.05 -11.21 10.53
C ALA A 125 10.67 -10.39 9.40
N VAL A 126 10.45 -9.08 9.41
CA VAL A 126 11.00 -8.16 8.37
C VAL A 126 12.54 -8.30 8.36
N ALA A 127 13.18 -8.20 9.53
CA ALA A 127 14.64 -8.34 9.71
C ALA A 127 15.13 -9.66 9.10
N ARG A 128 14.47 -10.78 9.38
CA ARG A 128 15.04 -12.11 9.03
C ARG A 128 14.53 -12.59 7.68
N VAL A 129 13.30 -12.27 7.28
CA VAL A 129 12.70 -12.89 6.06
C VAL A 129 12.81 -11.94 4.88
N GLY A 130 12.47 -10.67 5.07
CA GLY A 130 12.31 -9.68 3.99
C GLY A 130 10.94 -8.99 4.02
N PRO A 131 10.53 -8.33 2.92
CA PRO A 131 9.24 -7.62 2.88
C PRO A 131 8.05 -8.48 3.33
N VAL A 132 7.20 -7.91 4.17
CA VAL A 132 6.03 -8.62 4.77
C VAL A 132 4.75 -7.87 4.39
N SER A 133 3.73 -8.60 3.90
CA SER A 133 2.39 -8.03 3.55
C SER A 133 1.68 -7.62 4.84
N VAL A 134 1.09 -6.43 4.91
CA VAL A 134 0.36 -5.96 6.11
C VAL A 134 -0.94 -5.28 5.66
N ALA A 135 -1.93 -5.24 6.54
CA ALA A 135 -3.19 -4.51 6.35
C ALA A 135 -3.26 -3.40 7.39
N ILE A 136 -3.88 -2.29 7.03
CA ILE A 136 -4.01 -1.11 7.91
C ILE A 136 -5.40 -0.46 7.78
N ASP A 137 -5.65 0.49 8.66
CA ASP A 137 -6.72 1.48 8.45
C ASP A 137 -6.11 2.62 7.60
N ALA A 138 -6.46 2.69 6.33
CA ALA A 138 -6.05 3.80 5.43
C ALA A 138 -7.20 4.80 5.17
N SER A 139 -8.17 4.90 6.09
CA SER A 139 -9.50 5.54 5.83
C SER A 139 -9.52 7.03 6.20
N LEU A 140 -8.44 7.56 6.77
CA LEU A 140 -8.39 8.98 7.20
C LEU A 140 -7.86 9.90 6.10
N THR A 141 -8.38 11.13 6.09
CA THR A 141 -7.88 12.22 5.21
C THR A 141 -6.40 12.41 5.44
N SER A 142 -5.91 12.24 6.67
CA SER A 142 -4.47 12.39 7.04
C SER A 142 -3.60 11.41 6.25
N PHE A 143 -4.12 10.22 5.96
CA PHE A 143 -3.46 9.17 5.14
C PHE A 143 -3.60 9.46 3.65
N GLN A 144 -4.84 9.78 3.26
CA GLN A 144 -5.18 10.13 1.86
C GLN A 144 -4.15 11.13 1.31
N PHE A 145 -3.75 12.15 2.09
CA PHE A 145 -2.87 13.24 1.59
C PHE A 145 -1.46 13.15 2.18
N TYR A 146 -1.11 12.01 2.78
CA TYR A 146 0.25 11.86 3.39
C TYR A 146 1.27 12.23 2.32
N SER A 147 2.27 13.01 2.73
CA SER A 147 3.36 13.44 1.83
C SER A 147 4.76 13.09 2.37
N LYS A 148 5.01 13.34 3.64
CA LYS A 148 6.35 13.15 4.25
C LYS A 148 6.25 13.08 5.77
N GLY A 149 7.31 12.57 6.40
CA GLY A 149 7.41 12.43 7.85
C GLY A 149 6.89 11.08 8.31
N VAL A 150 6.72 10.93 9.61
CA VAL A 150 6.28 9.65 10.21
C VAL A 150 4.79 9.78 10.51
N TYR A 151 4.00 8.95 9.83
CA TYR A 151 2.53 9.01 9.93
C TYR A 151 2.10 8.45 11.29
N TYR A 152 1.52 9.30 12.12
CA TYR A 152 0.95 8.92 13.44
C TYR A 152 -0.28 9.77 13.69
N ASP A 153 -1.43 9.16 13.55
CA ASP A 153 -2.75 9.80 13.79
C ASP A 153 -3.48 8.93 14.81
N GLU A 154 -3.79 9.48 15.97
CA GLU A 154 -4.47 8.77 17.09
C GLU A 154 -5.89 8.36 16.71
N SER A 155 -6.51 8.97 15.68
CA SER A 155 -7.90 8.62 15.28
C SER A 155 -7.87 7.34 14.44
N CYS A 156 -6.69 6.85 14.08
CA CYS A 156 -6.56 5.72 13.13
C CYS A 156 -7.10 4.43 13.79
N ASN A 157 -7.86 3.55 13.15
CA ASN A 157 -8.57 2.49 13.93
C ASN A 157 -7.97 1.10 13.66
N SER A 158 -7.22 0.55 14.62
CA SER A 158 -6.56 -0.77 14.43
C SER A 158 -7.57 -1.92 14.31
N ASP A 159 -8.80 -1.71 14.72
CA ASP A 159 -9.90 -2.69 14.53
C ASP A 159 -10.65 -2.35 13.24
N ASN A 160 -10.08 -1.52 12.35
CA ASN A 160 -10.77 -1.18 11.08
C ASN A 160 -9.81 -1.34 9.90
N LEU A 161 -9.47 -2.57 9.54
CA LEU A 161 -8.49 -2.85 8.47
C LEU A 161 -9.24 -2.74 7.14
N ASN A 162 -8.72 -1.95 6.21
CA ASN A 162 -9.42 -1.69 4.92
C ASN A 162 -8.44 -1.58 3.77
N HIS A 163 -7.14 -1.77 3.97
CA HIS A 163 -6.16 -1.55 2.89
C HIS A 163 -4.93 -2.43 3.12
N ALA A 164 -4.30 -2.92 2.07
CA ALA A 164 -3.14 -3.82 2.15
C ALA A 164 -1.94 -3.12 1.54
N VAL A 165 -0.79 -3.21 2.22
CA VAL A 165 0.49 -2.59 1.78
C VAL A 165 1.62 -3.55 2.12
N LEU A 166 2.87 -3.08 1.99
CA LEU A 166 4.08 -3.92 2.12
C LEU A 166 5.09 -3.23 3.03
N ALA A 167 5.53 -3.91 4.09
CA ALA A 167 6.52 -3.40 5.03
C ALA A 167 7.88 -3.87 4.50
N VAL A 168 8.67 -2.95 3.99
CA VAL A 168 9.98 -3.25 3.33
C VAL A 168 11.12 -2.90 4.29
N GLY A 169 10.83 -2.39 5.47
CA GLY A 169 11.85 -2.16 6.48
C GLY A 169 11.31 -1.39 7.65
N TYR A 170 12.23 -0.89 8.46
CA TYR A 170 11.92 -0.14 9.69
C TYR A 170 13.10 0.70 10.06
N GLY A 171 12.85 1.75 10.84
CA GLY A 171 13.92 2.66 11.25
C GLY A 171 13.37 3.73 12.15
N ILE A 172 13.98 4.91 12.07
CA ILE A 172 13.69 6.04 12.97
C ILE A 172 14.00 7.29 12.18
N GLN A 173 13.17 8.32 12.36
CA GLN A 173 13.36 9.63 11.72
C GLN A 173 12.99 10.65 12.78
N LYS A 174 13.91 11.57 13.07
CA LYS A 174 13.71 12.67 14.04
C LYS A 174 13.22 12.10 15.37
N GLY A 175 13.81 10.99 15.79
CA GLY A 175 13.49 10.29 17.05
C GLY A 175 12.14 9.57 17.01
N ASN A 176 11.45 9.49 15.87
CA ASN A 176 10.17 8.74 15.74
C ASN A 176 10.40 7.39 15.04
N LYS A 177 10.21 6.27 15.74
CA LYS A 177 10.34 4.94 15.11
C LYS A 177 9.27 4.75 14.05
N HIS A 178 9.64 4.08 12.95
CA HIS A 178 8.74 3.86 11.81
C HIS A 178 8.93 2.49 11.17
N TRP A 179 7.90 2.11 10.41
CA TRP A 179 7.89 1.08 9.34
C TRP A 179 8.03 1.80 8.00
N ILE A 180 8.80 1.22 7.09
CA ILE A 180 8.94 1.70 5.69
C ILE A 180 7.89 0.95 4.89
N ILE A 181 6.87 1.66 4.43
CA ILE A 181 5.69 1.04 3.80
C ILE A 181 5.62 1.46 2.32
N LYS A 182 5.54 0.45 1.46
CA LYS A 182 5.34 0.65 0.01
C LYS A 182 3.85 0.57 -0.26
N ASN A 183 3.28 1.58 -0.89
CA ASN A 183 1.82 1.66 -1.24
C ASN A 183 1.66 1.34 -2.74
N SER A 184 0.43 1.14 -3.21
CA SER A 184 0.11 0.81 -4.61
C SER A 184 -0.85 1.88 -5.16
N TRP A 185 -0.64 3.15 -4.78
CA TRP A 185 -1.41 4.31 -5.31
C TRP A 185 -0.51 5.16 -6.23
N GLY A 186 0.52 4.57 -6.84
CA GLY A 186 1.47 5.26 -7.74
C GLY A 186 2.45 6.14 -7.02
N GLU A 187 3.37 6.77 -7.76
CA GLU A 187 4.44 7.63 -7.18
C GLU A 187 3.93 9.05 -6.90
N ASN A 188 2.71 9.43 -7.31
CA ASN A 188 2.14 10.76 -6.99
C ASN A 188 1.57 10.80 -5.56
N TRP A 189 1.41 9.65 -4.91
CA TRP A 189 0.98 9.59 -3.50
C TRP A 189 2.20 9.47 -2.59
N GLY A 190 2.15 10.09 -1.43
CA GLY A 190 3.15 9.86 -0.38
C GLY A 190 4.50 10.40 -0.79
N ASN A 191 5.59 9.76 -0.35
CA ASN A 191 6.96 10.14 -0.75
C ASN A 191 7.36 9.22 -1.92
N LYS A 192 7.01 9.56 -3.17
CA LYS A 192 7.24 8.68 -4.34
C LYS A 192 6.60 7.30 -4.08
N GLY A 193 5.43 7.27 -3.45
CA GLY A 193 4.57 6.08 -3.29
C GLY A 193 4.77 5.37 -1.96
N TYR A 194 5.70 5.86 -1.14
CA TYR A 194 6.10 5.30 0.18
C TYR A 194 5.50 6.17 1.28
N ILE A 195 5.27 5.54 2.44
CA ILE A 195 4.91 6.23 3.71
C ILE A 195 5.73 5.59 4.85
N LEU A 196 6.21 6.43 5.73
CA LEU A 196 6.74 5.99 7.03
C LEU A 196 5.56 5.95 8.02
N MET A 197 5.26 4.78 8.57
CA MET A 197 4.18 4.64 9.58
C MET A 197 4.76 4.40 10.97
N ALA A 198 4.19 5.04 11.98
CA ALA A 198 4.66 4.99 13.36
C ALA A 198 4.83 3.54 13.81
N ARG A 199 5.96 3.26 14.45
CA ARG A 199 6.32 1.91 14.95
C ARG A 199 6.38 1.97 16.48
N ASN A 200 5.87 0.92 17.16
CA ASN A 200 5.81 0.81 18.65
C ASN A 200 4.97 1.93 19.25
N LYS A 201 3.97 2.44 18.52
CA LYS A 201 2.91 3.34 19.08
C LYS A 201 1.60 2.57 19.22
N ASN A 202 1.64 1.48 19.98
CA ASN A 202 0.46 0.64 20.34
C ASN A 202 -0.21 0.15 19.06
N ASN A 203 0.59 -0.39 18.13
CA ASN A 203 0.08 -1.03 16.91
C ASN A 203 -0.80 -0.05 16.11
N ALA A 204 -0.22 1.10 15.79
CA ALA A 204 -0.91 2.22 15.11
C ALA A 204 -1.43 1.79 13.73
N CYS A 205 -2.71 2.08 13.46
CA CYS A 205 -3.44 1.70 12.21
C CYS A 205 -3.52 0.18 12.05
N GLY A 206 -3.22 -0.61 13.09
CA GLY A 206 -3.41 -2.07 12.99
C GLY A 206 -2.31 -2.75 12.16
N ILE A 207 -1.16 -2.10 12.03
CA ILE A 207 -0.05 -2.52 11.15
C ILE A 207 0.35 -3.99 11.41
N ALA A 208 0.27 -4.48 12.64
CA ALA A 208 0.66 -5.87 12.94
C ALA A 208 -0.55 -6.78 13.19
N ASN A 209 -1.76 -6.35 12.81
CA ASN A 209 -2.99 -7.13 13.08
C ASN A 209 -3.24 -8.20 12.02
N LEU A 210 -2.71 -8.06 10.80
CA LEU A 210 -3.03 -9.04 9.74
C LEU A 210 -1.86 -9.10 8.76
N ALA A 211 -0.71 -9.51 9.29
CA ALA A 211 0.58 -9.48 8.58
C ALA A 211 0.97 -10.91 8.20
N SER A 212 1.42 -11.11 6.97
CA SER A 212 1.69 -12.47 6.44
C SER A 212 2.82 -12.42 5.42
N PHE A 213 3.48 -13.55 5.16
CA PHE A 213 4.50 -13.64 4.09
C PHE A 213 4.54 -15.04 3.49
N PRO A 214 4.91 -15.15 2.19
CA PRO A 214 4.97 -16.40 1.44
C PRO A 214 6.25 -17.19 1.78
N LYS A 215 6.17 -18.52 1.80
CA LYS A 215 7.36 -19.42 1.94
C LYS A 215 7.76 -19.84 0.51
N MET A 216 9.05 -19.76 0.19
CA MET A 216 9.52 -20.07 -1.18
C MET A 216 10.65 -21.11 -1.11
N ASP B 8 -11.60 28.18 -12.58
CA ASP B 8 -10.38 28.74 -11.92
C ASP B 8 -9.15 28.04 -12.52
N THR B 9 -8.06 28.77 -12.68
CA THR B 9 -6.84 28.28 -13.36
C THR B 9 -6.33 27.03 -12.65
N HIS B 10 -6.27 27.03 -11.32
CA HIS B 10 -5.68 25.92 -10.52
C HIS B 10 -6.50 24.64 -10.66
N TRP B 11 -7.83 24.78 -10.60
CA TRP B 11 -8.79 23.66 -10.74
C TRP B 11 -8.66 23.06 -12.12
N GLU B 12 -8.59 23.89 -13.16
CA GLU B 12 -8.42 23.39 -14.56
C GLU B 12 -7.10 22.63 -14.66
N LEU B 13 -6.00 23.21 -14.17
CA LEU B 13 -4.67 22.57 -14.31
C LEU B 13 -4.68 21.25 -13.54
N TRP B 14 -5.35 21.22 -12.38
CA TRP B 14 -5.47 19.98 -11.57
C TRP B 14 -6.20 18.89 -12.38
N LYS B 15 -7.35 19.22 -12.96
CA LYS B 15 -8.17 18.23 -13.72
C LYS B 15 -7.39 17.71 -14.94
N LYS B 16 -6.73 18.61 -15.66
CA LYS B 16 -5.92 18.25 -16.85
C LYS B 16 -4.79 17.33 -16.41
N THR B 17 -4.06 17.68 -15.35
CA THR B 17 -2.87 16.93 -14.89
C THR B 17 -3.30 15.50 -14.53
N HIS B 18 -4.43 15.33 -13.85
CA HIS B 18 -4.81 14.01 -13.27
C HIS B 18 -5.85 13.34 -14.16
N ARG B 19 -6.14 14.02 -15.25
CA ARG B 19 -7.04 13.51 -16.31
C ARG B 19 -8.43 13.27 -15.74
N LYS B 20 -8.98 14.23 -15.03
CA LYS B 20 -10.27 14.02 -14.35
C LYS B 20 -11.40 14.37 -15.34
N GLN B 21 -12.49 13.62 -15.28
CA GLN B 21 -13.70 13.88 -16.08
C GLN B 21 -14.90 13.75 -15.14
N TYR B 22 -15.91 14.58 -15.35
CA TYR B 22 -17.14 14.61 -14.51
C TYR B 22 -18.34 14.41 -15.44
N ASN B 23 -19.46 13.93 -14.88
CA ASN B 23 -20.62 13.47 -15.69
C ASN B 23 -21.52 14.66 -16.05
N ASN B 24 -21.38 15.79 -15.35
CA ASN B 24 -22.25 16.98 -15.56
C ASN B 24 -21.80 18.11 -14.63
N LYS B 25 -22.40 19.29 -14.76
CA LYS B 25 -21.98 20.49 -14.01
C LYS B 25 -22.15 20.24 -12.51
N VAL B 26 -23.27 19.66 -12.09
CA VAL B 26 -23.52 19.41 -10.63
C VAL B 26 -22.40 18.51 -10.07
N ASP B 27 -22.04 17.44 -10.81
CA ASP B 27 -21.02 16.44 -10.39
C ASP B 27 -19.67 17.16 -10.27
N GLU B 28 -19.31 17.97 -11.27
CA GLU B 28 -18.03 18.71 -11.29
C GLU B 28 -17.97 19.71 -10.13
N ILE B 29 -19.05 20.46 -9.89
CA ILE B 29 -19.04 21.48 -8.81
C ILE B 29 -18.94 20.76 -7.47
N SER B 30 -19.68 19.65 -7.31
CA SER B 30 -19.68 18.83 -6.07
CA SER B 30 -19.69 18.83 -6.08
C SER B 30 -18.27 18.31 -5.81
N ARG B 31 -17.58 17.89 -6.87
CA ARG B 31 -16.18 17.40 -6.72
C ARG B 31 -15.24 18.57 -6.46
N ARG B 32 -15.48 19.72 -7.08
CA ARG B 32 -14.66 20.92 -6.83
C ARG B 32 -14.80 21.31 -5.35
N LEU B 33 -15.99 21.16 -4.79
CA LEU B 33 -16.27 21.55 -3.39
C LEU B 33 -15.43 20.65 -2.46
N ILE B 34 -15.44 19.33 -2.69
CA ILE B 34 -14.62 18.37 -1.89
C ILE B 34 -13.14 18.75 -2.01
N TRP B 35 -12.68 19.10 -3.21
CA TRP B 35 -11.26 19.47 -3.45
C TRP B 35 -10.91 20.73 -2.68
N GLU B 36 -11.77 21.74 -2.71
CA GLU B 36 -11.53 23.01 -1.97
C GLU B 36 -11.42 22.69 -0.47
N LYS B 37 -12.26 21.80 0.04
CA LYS B 37 -12.26 21.48 1.47
C LYS B 37 -10.98 20.70 1.82
N ASN B 38 -10.54 19.80 0.95
CA ASN B 38 -9.26 19.07 1.13
C ASN B 38 -8.08 20.06 1.09
N LEU B 39 -8.04 21.04 0.20
CA LEU B 39 -6.93 22.04 0.17
C LEU B 39 -6.86 22.76 1.53
N LYS B 40 -8.00 23.16 2.06
CA LYS B 40 -8.10 23.89 3.33
C LYS B 40 -7.59 22.96 4.45
N TYR B 41 -8.04 21.71 4.49
CA TYR B 41 -7.55 20.71 5.48
C TYR B 41 -6.02 20.62 5.42
N ILE B 42 -5.45 20.45 4.23
CA ILE B 42 -3.99 20.29 4.04
C ILE B 42 -3.27 21.51 4.64
N SER B 43 -3.72 22.71 4.28
CA SER B 43 -3.10 23.98 4.75
C SER B 43 -3.07 24.01 6.26
N ILE B 44 -4.20 23.71 6.91
CA ILE B 44 -4.29 23.72 8.40
C ILE B 44 -3.34 22.68 9.00
N HIS B 45 -3.46 21.41 8.60
CA HIS B 45 -2.62 20.32 9.18
C HIS B 45 -1.15 20.76 9.11
N ASN B 46 -0.73 21.24 7.94
CA ASN B 46 0.69 21.59 7.70
C ASN B 46 1.11 22.76 8.61
N LEU B 47 0.21 23.73 8.80
CA LEU B 47 0.46 24.81 9.79
C LEU B 47 0.67 24.17 11.18
N GLU B 48 -0.21 23.25 11.56
CA GLU B 48 -0.14 22.57 12.87
C GLU B 48 1.17 21.77 12.96
N ALA B 49 1.57 21.12 11.88
CA ALA B 49 2.84 20.37 11.79
C ALA B 49 4.03 21.32 12.00
N SER B 50 4.03 22.50 11.38
CA SER B 50 5.07 23.54 11.59
C SER B 50 5.15 23.92 13.07
N LEU B 51 4.05 23.76 13.82
CA LEU B 51 4.04 24.09 15.28
C LEU B 51 4.26 22.85 16.17
N GLY B 52 4.68 21.71 15.61
CA GLY B 52 5.01 20.51 16.40
C GLY B 52 3.81 19.64 16.74
N VAL B 53 2.63 19.86 16.14
CA VAL B 53 1.40 19.12 16.52
C VAL B 53 1.42 17.74 15.87
N HIS B 54 2.08 17.59 14.72
CA HIS B 54 2.09 16.33 13.93
C HIS B 54 3.53 16.01 13.53
N THR B 55 3.84 14.73 13.39
CA THR B 55 5.19 14.25 13.02
C THR B 55 5.22 14.05 11.52
N TYR B 56 4.18 14.50 10.79
CA TYR B 56 4.11 14.30 9.33
C TYR B 56 3.33 15.45 8.67
N GLU B 57 3.52 15.59 7.36
CA GLU B 57 2.88 16.67 6.56
CA GLU B 57 2.88 16.67 6.56
C GLU B 57 2.14 16.09 5.37
N LEU B 58 1.31 16.92 4.75
CA LEU B 58 0.38 16.49 3.69
C LEU B 58 0.62 17.31 2.41
N ALA B 59 0.14 16.77 1.29
CA ALA B 59 0.15 17.45 -0.01
C ALA B 59 -1.07 17.01 -0.83
N MET B 60 -1.57 17.92 -1.65
CA MET B 60 -2.58 17.60 -2.70
C MET B 60 -2.01 16.55 -3.66
N ASN B 61 -2.86 15.64 -4.15
CA ASN B 61 -2.48 14.59 -5.12
C ASN B 61 -3.69 14.27 -6.00
N HIS B 62 -3.59 13.18 -6.76
CA HIS B 62 -4.64 12.74 -7.72
C HIS B 62 -5.94 12.36 -7.03
N LEU B 63 -5.96 12.23 -5.71
CA LEU B 63 -7.19 11.86 -4.94
C LEU B 63 -7.86 13.09 -4.33
N GLY B 64 -7.51 14.32 -4.77
CA GLY B 64 -7.96 15.57 -4.10
C GLY B 64 -9.47 15.79 -4.17
N ASP B 65 -10.17 15.22 -5.16
CA ASP B 65 -11.65 15.44 -5.32
C ASP B 65 -12.46 14.32 -4.67
N MET B 66 -11.83 13.47 -3.85
CA MET B 66 -12.55 12.36 -3.17
C MET B 66 -12.54 12.55 -1.65
N THR B 67 -13.53 11.98 -0.98
CA THR B 67 -13.54 11.85 0.50
C THR B 67 -12.56 10.74 0.87
N SER B 68 -11.99 10.79 2.07
CA SER B 68 -10.99 9.79 2.54
C SER B 68 -11.68 8.42 2.54
N GLU B 69 -12.96 8.38 2.89
CA GLU B 69 -13.74 7.12 2.96
CA GLU B 69 -13.76 7.13 2.94
C GLU B 69 -13.88 6.53 1.54
N GLU B 70 -14.19 7.38 0.57
CA GLU B 70 -14.39 6.98 -0.85
C GLU B 70 -13.16 6.24 -1.37
N VAL B 71 -11.99 6.72 -0.94
CA VAL B 71 -10.67 6.23 -1.39
C VAL B 71 -10.59 4.72 -1.12
N VAL B 72 -11.05 4.28 0.03
CA VAL B 72 -10.90 2.86 0.44
C VAL B 72 -12.26 2.17 0.53
N GLN B 73 -13.32 2.68 -0.11
CA GLN B 73 -14.64 2.00 -0.07
C GLN B 73 -15.24 1.91 -1.48
N LYS B 74 -15.91 2.95 -1.96
CA LYS B 74 -16.56 2.97 -3.30
C LYS B 74 -16.97 4.41 -3.64
C4 A0U C . -14.14 -2.08 2.58
C14 A0U C . -9.42 -6.89 2.94
C5 A0U C . -14.13 -2.60 3.87
C6 A0U C . -13.05 -3.32 4.33
C11 A0U C . -7.68 -2.58 -1.38
C7 A0U C . -11.96 -3.52 3.51
C8 A0U C . -11.96 -2.99 2.22
C9 A0U C . -10.97 -2.17 -0.91
C10 A0U C . -10.06 -3.30 -1.33
C12 A0U C . -8.65 -4.63 1.05
C13 A0U C . -8.32 -5.88 3.19
N1 A0U C . -12.28 -2.47 -0.66
N2 A0U C . -8.75 -3.08 -0.69
C3 A0U C . -13.05 -2.28 1.74
N3 A0U C . -7.66 -2.30 -2.66
C1 A0U C . -13.00 -3.54 -1.33
C2 A0U C . -13.06 -1.70 0.34
O1 A0U C . -10.50 -1.05 -0.75
N4 A0U C . -8.60 -3.34 0.66
O2 A0U C . -8.72 -5.55 0.28
O3 A0U C . -8.57 -4.66 2.39
C15 A0U C . -8.32 -5.45 4.63
C16 A0U C . -6.97 -6.45 2.84
C ACT D . -6.08 30.50 9.87
O ACT D . -5.84 31.21 10.87
OXT ACT D . -6.27 30.97 8.73
CH3 ACT D . -6.17 28.98 10.05
MG MG E . -11.97 12.09 6.08
#